data_6QRL
#
_entry.id   6QRL
#
_cell.length_a   55.110
_cell.length_b   55.110
_cell.length_c   179.661
_cell.angle_alpha   90.000
_cell.angle_beta   90.000
_cell.angle_gamma   120.000
#
_symmetry.space_group_name_H-M   'P 32 2 1'
#
loop_
_entity.id
_entity.type
_entity.pdbx_description
1 polymer 'Hybrid kinase'
2 non-polymer "9,9'-[(2R,3R,3aS,5S,7aR,9R,10R,10aS,12S,14aR)-3,5,10,12-tetrahydroxy-5,12-dioxidooctahydro-2H,7H-difuro[3,2-d:3',2'-j][1,3,7,9,2,8]tetraoxadiphosphacyclododecine-2,9-diyl]bis(2-amino-1,9-dihydro-6H-purin-6-one)"
3 non-polymer 'SULFATE ION'
4 water water
#
_entity_poly.entity_id   1
_entity_poly.type   'polypeptide(L)'
_entity_poly.pdbx_seq_one_letter_code
;AAPLEGRNVAIASPNAIVRAATARQIEAAGGRAYAAVDIASALAGAPADAVLLIDAALSGPRGALKPPAGRRSVVLLTPE
QRDRIDRLKAAGFSGYLIKPLRAASLVAQVLQAVTADGVAEDEPAHDDRI
;
_entity_poly.pdbx_strand_id   A,B
#
loop_
_chem_comp.id
_chem_comp.type
_chem_comp.name
_chem_comp.formula
C2E non-polymer 9,9'-[(2R,3R,3aS,5S,7aR,9R,10R,10aS,12S,14aR)-3,5,10,12-tetrahydroxy-5,12-dioxidooctahydro-2H,7H-difuro[3,2-d:3',2'-j][1,3,7,9,2,8]tetraoxadiphosphacyclododecine-2,9-diyl]bis(2-amino-1,9-dihydro-6H-purin-6-one) 'C20 H24 N10 O14 P2'
SO4 non-polymer 'SULFATE ION' 'O4 S -2'
#
# COMPACT_ATOMS: atom_id res chain seq x y z
N ALA A 1 4.54 -26.66 1.22
CA ALA A 1 5.30 -25.45 1.64
C ALA A 1 4.59 -24.16 1.20
N ALA A 2 3.28 -24.21 0.86
CA ALA A 2 2.42 -23.03 0.56
C ALA A 2 1.15 -23.11 1.39
N PRO A 3 1.24 -22.93 2.72
CA PRO A 3 0.08 -23.11 3.60
C PRO A 3 -1.02 -22.06 3.40
N LEU A 4 -0.73 -20.93 2.74
CA LEU A 4 -1.75 -19.89 2.45
C LEU A 4 -2.19 -19.94 0.97
N GLU A 5 -1.91 -21.02 0.24
CA GLU A 5 -2.38 -21.13 -1.18
C GLU A 5 -3.89 -20.83 -1.24
N GLY A 6 -4.29 -19.86 -2.06
CA GLY A 6 -5.71 -19.54 -2.34
C GLY A 6 -6.31 -18.67 -1.24
N ARG A 7 -5.49 -18.10 -0.35
CA ARG A 7 -6.00 -17.21 0.73
C ARG A 7 -5.66 -15.75 0.43
N ASN A 8 -6.61 -14.85 0.69
CA ASN A 8 -6.43 -13.39 0.54
C ASN A 8 -6.16 -12.78 1.92
N VAL A 9 -5.13 -11.94 2.01
CA VAL A 9 -4.73 -11.27 3.29
C VAL A 9 -4.40 -9.81 2.97
N ALA A 10 -5.10 -8.88 3.61
CA ALA A 10 -4.82 -7.43 3.58
C ALA A 10 -3.86 -7.05 4.71
N ILE A 11 -2.99 -6.07 4.46
CA ILE A 11 -2.13 -5.43 5.52
C ILE A 11 -2.44 -3.93 5.50
N ALA A 12 -3.14 -3.45 6.54
CA ALA A 12 -3.40 -2.02 6.79
C ALA A 12 -2.33 -1.48 7.73
N SER A 13 -1.44 -0.65 7.23
CA SER A 13 -0.36 -0.04 8.05
C SER A 13 0.03 1.29 7.42
N PRO A 14 0.30 2.32 8.26
CA PRO A 14 0.81 3.59 7.74
C PRO A 14 2.31 3.51 7.46
N ASN A 15 2.96 2.40 7.82
CA ASN A 15 4.44 2.21 7.72
C ASN A 15 4.78 1.45 6.42
N ALA A 16 5.52 2.06 5.50
CA ALA A 16 5.88 1.49 4.17
C ALA A 16 6.64 0.17 4.35
N ILE A 17 7.56 0.12 5.33
CA ILE A 17 8.43 -1.07 5.57
C ILE A 17 7.56 -2.22 6.07
N VAL A 18 6.62 -1.96 6.98
CA VAL A 18 5.72 -3.02 7.50
C VAL A 18 4.82 -3.50 6.34
N ARG A 19 4.26 -2.59 5.53
CA ARG A 19 3.35 -3.05 4.43
C ARG A 19 4.16 -3.96 3.49
N ALA A 20 5.36 -3.57 3.07
CA ALA A 20 6.18 -4.33 2.08
C ALA A 20 6.66 -5.66 2.68
N ALA A 21 7.17 -5.65 3.92
CA ALA A 21 7.66 -6.86 4.62
C ALA A 21 6.53 -7.86 4.82
N THR A 22 5.37 -7.41 5.28
CA THR A 22 4.21 -8.29 5.56
C THR A 22 3.70 -8.83 4.22
N ALA A 23 3.58 -8.00 3.18
CA ALA A 23 3.15 -8.49 1.84
C ALA A 23 4.13 -9.57 1.33
N ARG A 24 5.44 -9.39 1.51
CA ARG A 24 6.43 -10.41 1.07
C ARG A 24 6.24 -11.72 1.85
N GLN A 25 5.95 -11.65 3.17
CA GLN A 25 5.71 -12.86 4.02
C GLN A 25 4.42 -13.55 3.57
N ILE A 26 3.37 -12.79 3.26
CA ILE A 26 2.07 -13.39 2.82
C ILE A 26 2.34 -14.18 1.54
N GLU A 27 3.03 -13.56 0.56
CA GLU A 27 3.22 -14.17 -0.78
C GLU A 27 4.18 -15.35 -0.71
N ALA A 28 5.22 -15.31 0.12
CA ALA A 28 6.21 -16.43 0.27
C ALA A 28 5.51 -17.68 0.87
N ALA A 29 4.45 -17.50 1.67
CA ALA A 29 3.61 -18.57 2.24
C ALA A 29 2.52 -19.00 1.24
N GLY A 30 2.48 -18.44 0.03
CA GLY A 30 1.55 -18.83 -1.05
C GLY A 30 0.26 -18.01 -1.08
N GLY A 31 0.10 -17.02 -0.20
CA GLY A 31 -1.11 -16.18 -0.15
C GLY A 31 -1.07 -15.05 -1.17
N ARG A 32 -2.20 -14.32 -1.30
CA ARG A 32 -2.27 -13.07 -2.10
C ARG A 32 -2.39 -11.89 -1.14
N ALA A 33 -1.51 -10.89 -1.29
CA ALA A 33 -1.35 -9.74 -0.38
C ALA A 33 -2.04 -8.50 -0.95
N TYR A 34 -2.77 -7.77 -0.11
CA TYR A 34 -3.49 -6.51 -0.44
C TYR A 34 -3.01 -5.41 0.53
N ALA A 35 -2.04 -4.59 0.11
CA ALA A 35 -1.41 -3.56 0.97
C ALA A 35 -2.29 -2.31 1.00
N ALA A 36 -2.53 -1.74 2.17
CA ALA A 36 -3.34 -0.50 2.32
C ALA A 36 -2.79 0.39 3.42
N VAL A 37 -3.07 1.69 3.38
CA VAL A 37 -2.52 2.62 4.41
C VAL A 37 -3.39 2.63 5.67
N ASP A 38 -4.64 2.17 5.62
CA ASP A 38 -5.54 2.25 6.81
C ASP A 38 -6.71 1.27 6.65
N ILE A 39 -7.61 1.18 7.62
CA ILE A 39 -8.72 0.21 7.58
C ILE A 39 -9.67 0.52 6.41
N ALA A 40 -10.10 1.76 6.23
CA ALA A 40 -11.02 2.11 5.11
C ALA A 40 -10.39 1.64 3.78
N SER A 41 -9.10 1.90 3.53
CA SER A 41 -8.47 1.59 2.22
C SER A 41 -8.31 0.07 2.08
N ALA A 42 -8.11 -0.66 3.17
CA ALA A 42 -8.07 -2.14 3.20
C ALA A 42 -9.44 -2.71 2.82
N LEU A 43 -10.53 -2.15 3.35
CA LEU A 43 -11.90 -2.60 2.99
C LEU A 43 -12.17 -2.31 1.51
N ALA A 44 -11.74 -1.17 0.99
CA ALA A 44 -12.04 -0.76 -0.41
C ALA A 44 -11.18 -1.58 -1.37
N GLY A 45 -9.98 -2.03 -0.98
CA GLY A 45 -8.97 -2.57 -1.91
C GLY A 45 -8.83 -4.08 -1.88
N ALA A 46 -9.39 -4.74 -0.86
CA ALA A 46 -9.20 -6.19 -0.66
C ALA A 46 -10.50 -6.93 -0.96
N PRO A 47 -10.40 -8.19 -1.42
CA PRO A 47 -11.58 -9.03 -1.60
C PRO A 47 -12.36 -9.14 -0.30
N ALA A 48 -13.67 -9.38 -0.40
CA ALA A 48 -14.60 -9.49 0.75
C ALA A 48 -14.18 -10.61 1.72
N ASP A 49 -13.48 -11.66 1.26
CA ASP A 49 -13.10 -12.79 2.15
C ASP A 49 -11.72 -12.54 2.78
N ALA A 50 -11.01 -11.45 2.47
CA ALA A 50 -9.61 -11.27 2.95
C ALA A 50 -9.59 -11.22 4.48
N VAL A 51 -8.60 -11.88 5.09
CA VAL A 51 -8.28 -11.62 6.53
C VAL A 51 -7.51 -10.31 6.59
N LEU A 52 -7.83 -9.44 7.54
CA LEU A 52 -7.24 -8.07 7.67
C LEU A 52 -6.17 -8.08 8.76
N LEU A 53 -4.91 -7.87 8.39
CA LEU A 53 -3.82 -7.62 9.37
C LEU A 53 -3.81 -6.09 9.58
N ILE A 54 -4.12 -5.64 10.79
CA ILE A 54 -4.28 -4.21 11.12
C ILE A 54 -3.20 -3.82 12.12
N ASP A 55 -2.30 -2.93 11.71
CA ASP A 55 -1.20 -2.37 12.52
C ASP A 55 -1.79 -1.53 13.66
N ALA A 56 -1.47 -1.84 14.93
CA ALA A 56 -1.88 -1.02 16.09
C ALA A 56 -1.35 0.41 16.00
N ALA A 57 -0.35 0.68 15.15
CA ALA A 57 0.03 2.07 14.82
C ALA A 57 -1.18 2.90 14.35
N LEU A 58 -2.27 2.27 13.87
CA LEU A 58 -3.49 3.00 13.43
C LEU A 58 -4.42 3.34 14.59
N SER A 59 -4.15 2.89 15.81
CA SER A 59 -4.96 3.20 17.01
C SER A 59 -5.04 4.73 17.19
N GLY A 60 -6.10 5.22 17.83
CA GLY A 60 -6.18 6.57 18.38
C GLY A 60 -5.16 6.80 19.49
N PRO A 61 -4.94 8.06 19.93
CA PRO A 61 -3.91 8.36 20.93
C PRO A 61 -4.07 7.56 22.23
N ARG A 62 -5.31 7.29 22.62
CA ARG A 62 -5.69 6.53 23.84
C ARG A 62 -5.81 5.02 23.54
N GLY A 63 -5.53 4.58 22.31
CA GLY A 63 -5.41 3.16 21.95
C GLY A 63 -6.70 2.54 21.42
N ALA A 64 -7.75 3.30 21.10
CA ALA A 64 -8.99 2.80 20.43
C ALA A 64 -8.66 2.29 19.03
N LEU A 65 -9.12 1.08 18.70
CA LEU A 65 -8.87 0.44 17.40
C LEU A 65 -10.06 -0.50 17.16
N LYS A 66 -10.90 -0.20 16.18
CA LYS A 66 -12.14 -0.98 15.90
C LYS A 66 -11.87 -1.89 14.71
N PRO A 67 -11.93 -3.21 14.90
CA PRO A 67 -11.88 -4.13 13.77
C PRO A 67 -13.21 -4.02 13.02
N PRO A 68 -13.24 -4.00 11.68
CA PRO A 68 -14.51 -3.92 10.96
C PRO A 68 -15.48 -5.07 11.30
N ALA A 69 -16.74 -4.71 11.52
CA ALA A 69 -17.84 -5.65 11.83
C ALA A 69 -17.95 -6.68 10.69
N GLY A 70 -18.13 -7.94 11.06
CA GLY A 70 -18.37 -9.05 10.12
C GLY A 70 -17.12 -9.45 9.36
N ARG A 71 -15.95 -8.92 9.72
CA ARG A 71 -14.67 -9.29 9.08
C ARG A 71 -13.78 -10.04 10.07
N ARG A 72 -12.76 -10.70 9.54
CA ARG A 72 -11.75 -11.48 10.30
C ARG A 72 -10.45 -10.65 10.38
N SER A 73 -10.11 -10.16 11.57
CA SER A 73 -8.99 -9.20 11.75
C SER A 73 -8.05 -9.66 12.84
N VAL A 74 -6.76 -9.45 12.61
CA VAL A 74 -5.63 -9.72 13.53
C VAL A 74 -4.88 -8.41 13.72
N VAL A 75 -4.56 -8.03 14.96
CA VAL A 75 -3.87 -6.75 15.24
C VAL A 75 -2.36 -7.01 15.36
N LEU A 76 -1.54 -6.11 14.81
CA LEU A 76 -0.05 -6.13 14.94
C LEU A 76 0.36 -5.24 16.13
N LEU A 77 1.08 -5.80 17.10
CA LEU A 77 1.43 -5.15 18.38
C LEU A 77 2.95 -5.18 18.58
N THR A 78 3.51 -4.19 19.26
CA THR A 78 4.86 -4.31 19.85
C THR A 78 4.73 -5.18 21.11
N PRO A 79 5.83 -5.79 21.59
CA PRO A 79 5.80 -6.51 22.86
C PRO A 79 5.33 -5.65 24.03
N GLU A 80 5.61 -4.33 24.00
CA GLU A 80 5.20 -3.39 25.07
C GLU A 80 3.67 -3.18 25.05
N GLN A 81 2.97 -3.55 23.98
CA GLN A 81 1.51 -3.28 23.85
C GLN A 81 0.68 -4.54 24.12
N ARG A 82 1.26 -5.57 24.76
CA ARG A 82 0.54 -6.81 25.13
C ARG A 82 -0.54 -6.50 26.17
N ASP A 83 -0.39 -5.45 26.96
CA ASP A 83 -1.40 -5.03 27.97
C ASP A 83 -2.73 -4.71 27.27
N ARG A 84 -2.75 -4.48 25.96
CA ARG A 84 -4.00 -4.14 25.22
C ARG A 84 -4.76 -5.38 24.74
N ILE A 85 -4.23 -6.58 24.90
CA ILE A 85 -4.84 -7.80 24.28
C ILE A 85 -6.31 -7.92 24.71
N ASP A 86 -6.64 -7.78 25.99
CA ASP A 86 -8.05 -8.00 26.45
C ASP A 86 -8.98 -6.98 25.78
N ARG A 87 -8.63 -5.72 25.74
CA ARG A 87 -9.44 -4.66 25.09
C ARG A 87 -9.63 -4.95 23.60
N LEU A 88 -8.58 -5.39 22.92
CA LEU A 88 -8.63 -5.61 21.44
C LEU A 88 -9.47 -6.86 21.16
N LYS A 89 -9.34 -7.90 21.98
CA LYS A 89 -10.23 -9.09 21.85
C LYS A 89 -11.69 -8.67 22.09
N ALA A 90 -11.98 -7.86 23.11
CA ALA A 90 -13.35 -7.36 23.41
C ALA A 90 -13.88 -6.54 22.25
N ALA A 91 -13.02 -5.76 21.57
CA ALA A 91 -13.40 -4.98 20.37
C ALA A 91 -13.74 -5.91 19.18
N GLY A 92 -13.30 -7.17 19.18
CA GLY A 92 -13.66 -8.15 18.14
C GLY A 92 -12.46 -8.69 17.35
N PHE A 93 -11.23 -8.33 17.67
CA PHE A 93 -10.04 -8.92 17.00
C PHE A 93 -9.96 -10.42 17.28
N SER A 94 -9.61 -11.19 16.26
CA SER A 94 -9.48 -12.67 16.33
C SER A 94 -8.26 -13.04 17.17
N GLY A 95 -7.19 -12.27 17.04
CA GLY A 95 -5.87 -12.56 17.63
C GLY A 95 -4.91 -11.42 17.36
N TYR A 96 -3.68 -11.63 17.76
CA TYR A 96 -2.59 -10.63 17.65
C TYR A 96 -1.35 -11.33 17.06
N LEU A 97 -0.47 -10.52 16.50
CA LEU A 97 0.89 -10.88 16.06
C LEU A 97 1.83 -9.85 16.68
N ILE A 98 3.00 -10.29 17.14
CA ILE A 98 4.05 -9.43 17.74
C ILE A 98 5.02 -9.04 16.63
N LYS A 99 5.26 -7.72 16.49
CA LYS A 99 6.26 -7.10 15.59
C LYS A 99 7.63 -7.22 16.24
N PRO A 100 8.68 -7.74 15.56
CA PRO A 100 8.63 -8.07 14.13
C PRO A 100 8.00 -9.46 13.88
N LEU A 101 7.16 -9.60 12.84
CA LEU A 101 6.33 -10.82 12.59
C LEU A 101 7.20 -12.01 12.19
N ARG A 102 6.87 -13.18 12.73
CA ARG A 102 7.38 -14.50 12.27
C ARG A 102 6.40 -15.05 11.23
N ALA A 103 6.91 -15.49 10.09
CA ALA A 103 6.09 -16.08 9.01
C ALA A 103 5.14 -17.14 9.59
N ALA A 104 5.65 -18.08 10.38
CA ALA A 104 4.85 -19.22 10.91
C ALA A 104 3.69 -18.70 11.76
N SER A 105 3.89 -17.61 12.51
CA SER A 105 2.87 -17.02 13.40
C SER A 105 1.80 -16.34 12.54
N LEU A 106 2.24 -15.62 11.51
CA LEU A 106 1.32 -14.94 10.57
C LEU A 106 0.40 -16.00 9.95
N VAL A 107 0.98 -17.09 9.46
CA VAL A 107 0.22 -18.21 8.82
C VAL A 107 -0.81 -18.77 9.80
N ALA A 108 -0.41 -19.12 11.03
CA ALA A 108 -1.32 -19.68 12.04
C ALA A 108 -2.47 -18.71 12.32
N GLN A 109 -2.22 -17.39 12.51
CA GLN A 109 -3.32 -16.46 12.89
C GLN A 109 -4.26 -16.21 11.69
N VAL A 110 -3.75 -16.24 10.46
CA VAL A 110 -4.59 -16.10 9.25
C VAL A 110 -5.45 -17.36 9.08
N LEU A 111 -4.87 -18.56 9.23
CA LEU A 111 -5.62 -19.83 9.06
C LEU A 111 -6.74 -19.95 10.12
N GLN A 112 -6.52 -19.45 11.34
CA GLN A 112 -7.45 -19.66 12.48
C GLN A 112 -8.38 -18.45 12.68
N ALA A 113 -8.26 -17.40 11.87
CA ALA A 113 -8.91 -16.09 12.10
C ALA A 113 -10.45 -16.25 12.13
N VAL A 114 -11.09 -15.63 13.12
CA VAL A 114 -12.54 -15.76 13.41
C VAL A 114 -13.15 -14.37 13.21
N THR A 115 -14.45 -14.33 12.97
CA THR A 115 -15.18 -13.10 12.62
C THR A 115 -15.39 -12.23 13.86
N ALA A 116 -15.32 -10.91 13.71
CA ALA A 116 -15.96 -9.96 14.65
C ALA A 116 -17.50 -10.05 14.52
N ASP A 117 -18.24 -9.69 15.56
CA ASP A 117 -19.72 -9.58 15.54
C ASP A 117 -20.16 -8.49 14.54
N GLY A 118 -21.45 -8.48 14.15
CA GLY A 118 -22.06 -7.46 13.25
C GLY A 118 -22.06 -7.97 11.82
N VAL A 119 -22.37 -7.12 10.83
CA VAL A 119 -22.46 -7.57 9.39
C VAL A 119 -21.42 -6.83 8.53
N ASP A 127 -34.44 -6.42 1.97
CA ASP A 127 -35.46 -6.63 3.05
C ASP A 127 -36.84 -6.87 2.43
N ASP A 128 -37.50 -7.97 2.82
CA ASP A 128 -38.83 -8.38 2.27
C ASP A 128 -39.90 -7.35 2.65
N ARG A 129 -39.65 -6.53 3.68
CA ARG A 129 -40.65 -5.57 4.21
C ARG A 129 -40.70 -4.31 3.33
N ILE A 130 -41.71 -4.18 2.47
CA ILE A 130 -41.81 -3.09 1.44
C ILE A 130 -42.82 -2.04 1.92
N ALA B 1 -13.74 19.81 -6.94
CA ALA B 1 -13.71 18.38 -7.38
C ALA B 1 -12.58 17.63 -6.63
N ALA B 2 -12.64 16.30 -6.67
CA ALA B 2 -11.61 15.35 -6.19
C ALA B 2 -11.30 14.46 -7.37
N PRO B 3 -10.48 14.93 -8.33
CA PRO B 3 -10.27 14.21 -9.59
C PRO B 3 -9.54 12.86 -9.40
N LEU B 4 -8.86 12.65 -8.28
CA LEU B 4 -8.18 11.36 -7.96
C LEU B 4 -8.99 10.53 -6.96
N GLU B 5 -10.22 10.90 -6.66
CA GLU B 5 -11.15 10.09 -5.84
C GLU B 5 -11.10 8.64 -6.30
N GLY B 6 -10.81 7.73 -5.37
CA GLY B 6 -10.82 6.27 -5.62
C GLY B 6 -9.57 5.79 -6.33
N ARG B 7 -8.55 6.63 -6.52
CA ARG B 7 -7.30 6.23 -7.21
C ARG B 7 -6.15 6.15 -6.20
N ASN B 8 -5.27 5.17 -6.40
CA ASN B 8 -4.09 4.92 -5.54
C ASN B 8 -2.88 5.37 -6.34
N VAL B 9 -1.98 6.11 -5.72
CA VAL B 9 -0.74 6.56 -6.36
C VAL B 9 0.42 6.28 -5.41
N ALA B 10 1.41 5.52 -5.89
CA ALA B 10 2.68 5.28 -5.17
C ALA B 10 3.71 6.31 -5.62
N ILE B 11 4.57 6.76 -4.69
CA ILE B 11 5.73 7.64 -5.02
C ILE B 11 6.99 6.90 -4.56
N ALA B 12 7.79 6.43 -5.51
CA ALA B 12 9.12 5.84 -5.26
C ALA B 12 10.20 6.93 -5.42
N SER B 13 10.81 7.37 -4.33
CA SER B 13 11.88 8.38 -4.38
C SER B 13 12.82 8.19 -3.19
N PRO B 14 14.14 8.35 -3.37
CA PRO B 14 15.08 8.38 -2.24
C PRO B 14 15.04 9.71 -1.48
N ASN B 15 14.33 10.73 -1.99
CA ASN B 15 14.27 12.11 -1.41
C ASN B 15 13.03 12.23 -0.49
N ALA B 16 13.23 12.45 0.81
CA ALA B 16 12.17 12.50 1.84
C ALA B 16 11.16 13.62 1.52
N ILE B 17 11.67 14.77 1.09
CA ILE B 17 10.81 15.94 0.79
C ILE B 17 9.96 15.64 -0.46
N VAL B 18 10.50 15.02 -1.49
CA VAL B 18 9.69 14.66 -2.69
C VAL B 18 8.60 13.67 -2.26
N ARG B 19 8.93 12.67 -1.44
CA ARG B 19 7.91 11.69 -0.98
C ARG B 19 6.77 12.42 -0.27
N ALA B 20 7.06 13.32 0.68
CA ALA B 20 6.04 14.02 1.49
C ALA B 20 5.25 15.03 0.63
N ALA B 21 5.91 15.82 -0.22
CA ALA B 21 5.27 16.82 -1.09
C ALA B 21 4.35 16.14 -2.08
N THR B 22 4.80 15.04 -2.69
CA THR B 22 4.00 14.29 -3.69
C THR B 22 2.80 13.66 -2.97
N ALA B 23 3.01 13.09 -1.79
CA ALA B 23 1.90 12.50 -0.99
C ALA B 23 0.85 13.57 -0.68
N ARG B 24 1.28 14.77 -0.27
CA ARG B 24 0.36 15.91 0.00
C ARG B 24 -0.48 16.23 -1.26
N GLN B 25 0.15 16.28 -2.44
CA GLN B 25 -0.54 16.66 -3.71
C GLN B 25 -1.53 15.55 -4.10
N ILE B 26 -1.15 14.29 -3.92
CA ILE B 26 -2.05 13.14 -4.23
C ILE B 26 -3.29 13.27 -3.36
N GLU B 27 -3.13 13.43 -2.04
CA GLU B 27 -4.25 13.39 -1.07
C GLU B 27 -5.14 14.62 -1.24
N ALA B 28 -4.57 15.79 -1.58
CA ALA B 28 -5.37 17.04 -1.80
C ALA B 28 -6.29 16.88 -3.03
N ALA B 29 -5.89 16.11 -4.04
CA ALA B 29 -6.70 15.79 -5.23
C ALA B 29 -7.69 14.62 -4.95
N GLY B 30 -7.71 14.06 -3.74
CA GLY B 30 -8.66 13.01 -3.30
C GLY B 30 -8.11 11.60 -3.46
N GLY B 31 -6.85 11.43 -3.85
CA GLY B 31 -6.24 10.10 -4.00
C GLY B 31 -5.67 9.58 -2.67
N ARG B 32 -5.25 8.31 -2.63
CA ARG B 32 -4.49 7.72 -1.52
C ARG B 32 -3.03 7.52 -1.96
N ALA B 33 -2.10 7.99 -1.13
CA ALA B 33 -0.65 8.08 -1.42
C ALA B 33 0.09 6.94 -0.70
N TYR B 34 0.98 6.25 -1.42
CA TYR B 34 1.83 5.13 -0.92
C TYR B 34 3.28 5.53 -1.17
N ALA B 35 3.96 6.09 -0.16
CA ALA B 35 5.36 6.54 -0.28
C ALA B 35 6.29 5.35 -0.13
N ALA B 36 7.31 5.24 -0.97
CA ALA B 36 8.37 4.23 -0.82
C ALA B 36 9.75 4.79 -1.20
N VAL B 37 10.82 4.21 -0.68
CA VAL B 37 12.20 4.72 -0.97
C VAL B 37 12.67 4.20 -2.34
N ASP B 38 12.05 3.16 -2.89
CA ASP B 38 12.51 2.54 -4.17
C ASP B 38 11.38 1.76 -4.83
N ILE B 39 11.63 1.29 -6.06
CA ILE B 39 10.60 0.61 -6.88
C ILE B 39 10.14 -0.69 -6.21
N ALA B 40 11.07 -1.55 -5.77
CA ALA B 40 10.72 -2.84 -5.16
C ALA B 40 9.76 -2.58 -3.98
N SER B 41 10.05 -1.63 -3.10
CA SER B 41 9.23 -1.38 -1.89
C SER B 41 7.87 -0.82 -2.29
N ALA B 42 7.80 0.02 -3.32
CA ALA B 42 6.54 0.56 -3.89
C ALA B 42 5.65 -0.59 -4.42
N LEU B 43 6.22 -1.55 -5.13
CA LEU B 43 5.43 -2.68 -5.70
C LEU B 43 4.88 -3.55 -4.57
N ALA B 44 5.69 -3.82 -3.54
CA ALA B 44 5.29 -4.73 -2.45
C ALA B 44 4.27 -4.02 -1.53
N GLY B 45 4.36 -2.69 -1.37
CA GLY B 45 3.64 -1.98 -0.29
C GLY B 45 2.49 -1.12 -0.77
N ALA B 46 2.22 -1.10 -2.08
CA ALA B 46 1.10 -0.33 -2.67
C ALA B 46 0.05 -1.28 -3.25
N PRO B 47 -1.22 -0.84 -3.38
CA PRO B 47 -2.24 -1.62 -4.08
C PRO B 47 -1.81 -1.94 -5.52
N ALA B 48 -2.31 -3.04 -6.05
CA ALA B 48 -2.00 -3.55 -7.41
C ALA B 48 -2.44 -2.55 -8.48
N ASP B 49 -3.45 -1.71 -8.21
CA ASP B 49 -4.02 -0.76 -9.21
C ASP B 49 -3.35 0.62 -9.06
N ALA B 50 -2.35 0.77 -8.18
CA ALA B 50 -1.70 2.08 -7.97
C ALA B 50 -0.96 2.49 -9.24
N VAL B 51 -1.08 3.74 -9.64
CA VAL B 51 -0.13 4.36 -10.62
C VAL B 51 1.18 4.66 -9.88
N LEU B 52 2.32 4.35 -10.49
CA LEU B 52 3.66 4.49 -9.87
C LEU B 52 4.35 5.78 -10.34
N LEU B 53 4.57 6.73 -9.44
CA LEU B 53 5.43 7.91 -9.71
C LEU B 53 6.84 7.50 -9.33
N ILE B 54 7.74 7.40 -10.29
CA ILE B 54 9.13 6.93 -10.07
C ILE B 54 10.11 8.05 -10.33
N ASP B 55 10.84 8.47 -9.29
CA ASP B 55 11.89 9.51 -9.35
C ASP B 55 13.08 8.99 -10.16
N ALA B 56 13.50 9.68 -11.22
CA ALA B 56 14.71 9.34 -12.00
C ALA B 56 15.98 9.39 -11.12
N ALA B 57 15.94 9.98 -9.92
CA ALA B 57 17.05 9.81 -8.95
C ALA B 57 17.27 8.33 -8.60
N LEU B 58 16.34 7.42 -8.91
CA LEU B 58 16.52 5.95 -8.72
C LEU B 58 17.22 5.29 -9.91
N SER B 59 17.64 6.04 -10.92
CA SER B 59 18.33 5.49 -12.12
C SER B 59 19.65 4.84 -11.70
N GLY B 60 20.08 3.80 -12.38
CA GLY B 60 21.40 3.20 -12.15
C GLY B 60 22.50 4.07 -12.78
N PRO B 61 23.77 3.74 -12.57
CA PRO B 61 24.89 4.53 -13.07
C PRO B 61 24.85 4.81 -14.58
N ARG B 62 24.35 3.85 -15.37
CA ARG B 62 24.24 3.92 -16.86
C ARG B 62 22.95 4.64 -17.30
N GLY B 63 22.11 5.08 -16.34
CA GLY B 63 20.91 5.89 -16.60
C GLY B 63 19.66 5.05 -16.84
N ALA B 64 19.71 3.73 -16.66
CA ALA B 64 18.55 2.82 -16.83
C ALA B 64 17.58 3.03 -15.65
N LEU B 65 16.30 2.96 -15.97
CA LEU B 65 15.16 3.11 -15.05
C LEU B 65 14.01 2.33 -15.69
N LYS B 66 13.64 1.20 -15.11
CA LYS B 66 12.72 0.22 -15.74
C LYS B 66 11.31 0.42 -15.16
N PRO B 67 10.33 0.81 -15.99
CA PRO B 67 8.96 0.92 -15.50
C PRO B 67 8.44 -0.51 -15.32
N PRO B 68 7.89 -0.86 -14.15
CA PRO B 68 7.50 -2.25 -13.90
C PRO B 68 6.50 -2.79 -14.92
N ALA B 69 6.74 -4.03 -15.36
CA ALA B 69 5.91 -4.71 -16.38
C ALA B 69 4.46 -4.78 -15.88
N GLY B 70 3.51 -4.45 -16.75
CA GLY B 70 2.06 -4.60 -16.47
C GLY B 70 1.55 -3.54 -15.52
N ARG B 71 2.33 -2.49 -15.24
CA ARG B 71 1.90 -1.37 -14.36
C ARG B 71 1.83 -0.07 -15.17
N ARG B 72 1.15 0.93 -14.61
CA ARG B 72 1.08 2.33 -15.12
C ARG B 72 2.11 3.17 -14.35
N SER B 73 3.14 3.67 -15.02
CA SER B 73 4.24 4.43 -14.39
C SER B 73 4.48 5.76 -15.09
N VAL B 74 4.85 6.77 -14.30
CA VAL B 74 5.26 8.14 -14.72
C VAL B 74 6.61 8.43 -14.09
N VAL B 75 7.56 8.99 -14.83
CA VAL B 75 8.93 9.27 -14.29
C VAL B 75 9.03 10.75 -13.90
N LEU B 76 9.69 11.04 -12.78
CA LEU B 76 9.98 12.44 -12.33
C LEU B 76 11.39 12.82 -12.76
N LEU B 77 11.53 13.94 -13.47
CA LEU B 77 12.78 14.40 -14.13
C LEU B 77 13.11 15.82 -13.66
N THR B 78 14.39 16.16 -13.61
CA THR B 78 14.82 17.58 -13.55
C THR B 78 14.75 18.14 -14.95
N PRO B 79 14.69 19.48 -15.13
CA PRO B 79 14.80 20.09 -16.45
C PRO B 79 16.05 19.64 -17.23
N GLU B 80 17.15 19.35 -16.52
CA GLU B 80 18.43 18.91 -17.14
C GLU B 80 18.28 17.50 -17.73
N GLN B 81 17.26 16.74 -17.35
CA GLN B 81 17.13 15.31 -17.78
C GLN B 81 16.09 15.15 -18.89
N ARG B 82 15.68 16.22 -19.56
CA ARG B 82 14.63 16.16 -20.63
C ARG B 82 15.10 15.29 -21.81
N ASP B 83 16.41 15.21 -22.05
CA ASP B 83 16.99 14.39 -23.15
C ASP B 83 16.59 12.91 -22.98
N ARG B 84 16.16 12.48 -21.78
CA ARG B 84 15.82 11.06 -21.50
C ARG B 84 14.36 10.73 -21.85
N ILE B 85 13.54 11.73 -22.13
CA ILE B 85 12.07 11.52 -22.23
C ILE B 85 11.78 10.41 -23.28
N ASP B 86 12.35 10.52 -24.48
CA ASP B 86 12.02 9.58 -25.58
C ASP B 86 12.36 8.14 -25.18
N ARG B 87 13.57 7.91 -24.64
CA ARG B 87 13.99 6.52 -24.32
C ARG B 87 13.12 5.98 -23.17
N LEU B 88 12.72 6.82 -22.21
CA LEU B 88 11.95 6.32 -21.04
C LEU B 88 10.52 6.02 -21.47
N LYS B 89 9.94 6.80 -22.38
CA LYS B 89 8.62 6.47 -22.95
C LYS B 89 8.71 5.15 -23.75
N ALA B 90 9.74 4.97 -24.58
CA ALA B 90 9.95 3.72 -25.35
C ALA B 90 10.11 2.53 -24.41
N ALA B 91 10.72 2.73 -23.23
CA ALA B 91 10.90 1.67 -22.20
C ALA B 91 9.54 1.31 -21.56
N GLY B 92 8.52 2.18 -21.68
CA GLY B 92 7.15 1.85 -21.23
C GLY B 92 6.60 2.83 -20.21
N PHE B 93 7.32 3.89 -19.82
CA PHE B 93 6.74 4.98 -19.02
C PHE B 93 5.64 5.67 -19.81
N SER B 94 4.54 5.94 -19.15
CA SER B 94 3.36 6.58 -19.76
C SER B 94 3.65 8.05 -20.06
N GLY B 95 4.44 8.71 -19.22
CA GLY B 95 4.78 10.13 -19.33
C GLY B 95 5.77 10.54 -18.27
N TYR B 96 6.04 11.83 -18.22
CA TYR B 96 7.01 12.44 -17.28
C TYR B 96 6.33 13.59 -16.55
N LEU B 97 6.93 13.96 -15.42
CA LEU B 97 6.61 15.13 -14.60
C LEU B 97 7.95 15.83 -14.34
N ILE B 98 7.98 17.14 -14.41
CA ILE B 98 9.17 17.98 -14.13
C ILE B 98 9.14 18.37 -12.66
N LYS B 99 10.27 18.16 -11.96
CA LYS B 99 10.49 18.58 -10.55
C LYS B 99 10.89 20.05 -10.58
N PRO B 100 10.29 20.93 -9.74
CA PRO B 100 9.29 20.55 -8.74
C PRO B 100 7.88 20.37 -9.35
N LEU B 101 7.11 19.37 -8.90
CA LEU B 101 5.81 18.95 -9.52
C LEU B 101 4.71 20.01 -9.30
N ARG B 102 3.92 20.25 -10.34
CA ARG B 102 2.60 20.96 -10.23
C ARG B 102 1.52 19.90 -9.92
N ALA B 103 0.65 20.18 -8.96
CA ALA B 103 -0.48 19.32 -8.59
C ALA B 103 -1.30 19.02 -9.85
N ALA B 104 -1.60 20.03 -10.66
CA ALA B 104 -2.45 19.88 -11.85
C ALA B 104 -1.79 18.94 -12.86
N SER B 105 -0.45 18.99 -12.96
CA SER B 105 0.30 18.11 -13.89
C SER B 105 0.28 16.67 -13.38
N LEU B 106 0.47 16.50 -12.08
CA LEU B 106 0.43 15.18 -11.41
C LEU B 106 -0.94 14.55 -11.72
N VAL B 107 -2.03 15.29 -11.51
CA VAL B 107 -3.40 14.78 -11.74
C VAL B 107 -3.57 14.34 -13.20
N ALA B 108 -3.23 15.19 -14.17
CA ALA B 108 -3.36 14.86 -15.61
C ALA B 108 -2.52 13.62 -15.92
N GLN B 109 -1.26 13.52 -15.47
CA GLN B 109 -0.41 12.36 -15.88
C GLN B 109 -0.86 11.07 -15.20
N VAL B 110 -1.40 11.13 -13.99
CA VAL B 110 -1.97 9.93 -13.30
C VAL B 110 -3.23 9.48 -14.05
N LEU B 111 -4.13 10.41 -14.40
CA LEU B 111 -5.42 10.07 -15.05
C LEU B 111 -5.17 9.46 -16.44
N GLN B 112 -4.13 9.90 -17.16
CA GLN B 112 -3.88 9.50 -18.57
C GLN B 112 -2.89 8.33 -18.67
N ALA B 113 -2.32 7.89 -17.55
CA ALA B 113 -1.31 6.81 -17.51
C ALA B 113 -1.88 5.49 -18.09
N VAL B 114 -1.10 4.84 -18.95
CA VAL B 114 -1.43 3.57 -19.66
C VAL B 114 -0.42 2.52 -19.21
N THR B 115 -0.75 1.24 -19.35
CA THR B 115 0.07 0.10 -18.86
C THR B 115 1.29 -0.13 -19.75
N ALA B 116 2.45 -0.35 -19.14
CA ALA B 116 3.68 -0.82 -19.82
C ALA B 116 3.50 -2.27 -20.33
N ASP B 117 4.24 -2.65 -21.38
CA ASP B 117 4.66 -4.05 -21.68
C ASP B 117 5.38 -4.08 -23.02
P1 C2E C . 3.10 -15.18 23.43
O2P C2E C . 2.77 -14.01 22.52
O1P C2E C . 2.79 -15.10 24.89
O5' C2E C . 2.21 -16.40 22.88
C5' C2E C . 2.11 -17.58 23.67
C4' C2E C . 1.23 -18.54 22.94
O4' C2E C . -0.12 -18.03 22.89
C3' C2E C . 1.60 -18.75 21.47
O3' C2E C . 2.67 -19.69 21.44
C2' C2E C . 0.25 -19.20 20.85
O2' C2E C . 0.20 -20.59 20.68
C1' C2E C . -0.80 -18.71 21.86
N9 C2E C . -1.77 -17.75 21.34
C8 C2E C . -3.09 -17.65 21.76
N7 C2E C . -3.73 -16.65 21.20
C5 C2E C . -2.78 -16.05 20.38
C6 C2E C . -2.91 -14.93 19.53
O6 C2E C . -3.89 -14.20 19.35
N1 C2E C . -1.71 -14.64 18.88
C2 C2E C . -0.53 -15.35 19.01
N2 C2E C . 0.52 -14.90 18.31
N3 C2E C . -0.42 -16.40 19.81
C4 C2E C . -1.57 -16.70 20.46
P11 C2E C . 3.76 -19.51 20.30
O21 C2E C . 3.00 -19.21 19.05
O11 C2E C . 4.70 -20.69 20.34
O5A C2E C . 4.62 -18.22 20.75
C5A C2E C . 5.60 -18.31 21.83
C4A C2E C . 6.23 -16.95 22.03
O4A C2E C . 7.11 -16.66 20.92
C3A C2E C . 5.26 -15.76 22.04
O3A C2E C . 4.65 -15.66 23.33
C2A C2E C . 6.21 -14.61 21.69
O2A C2E C . 7.05 -14.11 22.68
C1A C2E C . 7.10 -15.27 20.64
N91 C2E C . 6.58 -15.06 19.30
C81 C2E C . 5.60 -15.81 18.71
N71 C2E C . 5.26 -15.38 17.51
C51 C2E C . 6.05 -14.26 17.33
C61 C2E C . 6.11 -13.39 16.22
O61 C2E C . 5.41 -13.39 15.21
N11 C2E C . 7.07 -12.39 16.43
C21 C2E C . 7.86 -12.25 17.55
N21 C2E C . 8.74 -11.23 17.53
N31 C2E C . 7.79 -13.05 18.60
C41 C2E C . 6.87 -14.04 18.42
S SO4 D . -8.66 7.49 21.08
O1 SO4 D . -9.88 7.32 21.83
O2 SO4 D . -7.93 8.63 21.59
O3 SO4 D . -7.84 6.31 21.24
O4 SO4 D . -8.97 7.71 19.69
P1 C2E E . 17.35 -18.89 20.48
O2P C2E E . 18.07 -17.97 19.53
O1P C2E E . 17.41 -18.60 21.95
O5' C2E E . 15.81 -18.93 20.07
C5' C2E E . 14.91 -19.62 20.97
C4' C2E E . 13.64 -19.93 20.22
O4' C2E E . 13.00 -18.69 19.81
C3' C2E E . 13.81 -20.73 18.93
O3' C2E E . 13.87 -22.11 19.24
C2' C2E E . 12.51 -20.37 18.21
O2' C2E E . 11.42 -21.12 18.69
C1' C2E E . 12.33 -18.90 18.58
N9 C2E E . 12.88 -17.98 17.59
C8 C2E E . 13.93 -17.12 17.75
N7 C2E E . 14.18 -16.40 16.68
C5 C2E E . 13.23 -16.81 15.76
C6 C2E E . 13.00 -16.39 14.42
O6 C2E E . 13.59 -15.51 13.77
N1 C2E E . 11.93 -17.07 13.85
C2 C2E E . 11.19 -18.05 14.47
N2 C2E E . 10.21 -18.60 13.75
N3 C2E E . 11.40 -18.46 15.73
C4 C2E E . 12.43 -17.80 16.30
P11 C2E E . 14.39 -23.12 18.11
O21 C2E E . 13.83 -22.77 16.76
O11 C2E E . 14.13 -24.52 18.61
O5A C2E E . 15.97 -22.83 18.04
C5A C2E E . 16.78 -23.26 19.17
C4A C2E E . 18.08 -22.51 19.16
O4A C2E E . 18.87 -22.91 18.00
C3A C2E E . 18.00 -20.99 19.05
O3A C2E E . 17.80 -20.43 20.34
C2A C2E E . 19.39 -20.68 18.54
O2A C2E E . 20.38 -20.81 19.54
C1A C2E E . 19.59 -21.80 17.53
N91 C2E E . 19.15 -21.49 16.18
C81 C2E E . 18.13 -22.08 15.47
N71 C2E E . 18.01 -21.61 14.25
C51 C2E E . 19.05 -20.69 14.15
C61 C2E E . 19.45 -19.87 13.07
O61 C2E E . 18.99 -19.84 11.93
N11 C2E E . 20.56 -19.10 13.40
C21 C2E E . 21.19 -19.08 14.61
N21 C2E E . 22.24 -18.25 14.74
N31 C2E E . 20.81 -19.82 15.64
C41 C2E E . 19.74 -20.61 15.33
P1 C2E F . 15.93 -13.07 10.34
O2P C2E F . 16.74 -12.60 9.16
O1P C2E F . 16.59 -13.00 11.68
O5' C2E F . 15.48 -14.61 10.11
C5' C2E F . 14.97 -15.05 8.84
C4' C2E F . 14.27 -16.38 9.04
O4' C2E F . 15.17 -17.38 9.59
C3' C2E F . 13.12 -16.36 10.05
O3' C2E F . 11.98 -15.79 9.43
C2' C2E F . 12.97 -17.86 10.28
O2' C2E F . 12.31 -18.48 9.21
C1' C2E F . 14.43 -18.30 10.36
N9 C2E F . 14.95 -18.33 11.72
C8 C2E F . 15.96 -17.57 12.26
N7 C2E F . 16.25 -17.87 13.50
C5 C2E F . 15.37 -18.91 13.80
C6 C2E F . 15.21 -19.66 15.00
O6 C2E F . 15.85 -19.57 16.05
N1 C2E F . 14.24 -20.64 14.87
C2 C2E F . 13.47 -20.85 13.76
N2 C2E F . 12.52 -21.80 13.84
N3 C2E F . 13.60 -20.14 12.63
C4 C2E F . 14.58 -19.20 12.72
P11 C2E F . 10.78 -15.37 10.40
O21 C2E F . 10.52 -16.39 11.48
O11 C2E F . 9.66 -15.01 9.46
O5A C2E F . 11.31 -14.03 11.13
C5A C2E F . 11.37 -12.85 10.30
C4A C2E F . 12.28 -11.84 10.97
O4A C2E F . 11.67 -11.38 12.20
C3A C2E F . 13.64 -12.36 11.39
O3A C2E F . 14.51 -12.30 10.25
C2A C2E F . 14.01 -11.41 12.52
O2A C2E F . 14.55 -10.17 12.09
C1A C2E F . 12.65 -11.14 13.17
N91 C2E F . 12.39 -11.98 14.34
C81 C2E F . 11.40 -12.93 14.50
N71 C2E F . 11.40 -13.48 15.69
C51 C2E F . 12.42 -12.83 16.36
C61 C2E F . 12.89 -12.99 17.70
O61 C2E F . 12.45 -13.74 18.59
N11 C2E F . 13.94 -12.13 17.98
C21 C2E F . 14.50 -11.23 17.11
N21 C2E F . 15.52 -10.51 17.58
N31 C2E F . 14.08 -11.08 15.85
C41 C2E F . 13.04 -11.90 15.55
P1 C2E G . 6.97 20.99 -21.37
O2P C2E G . 7.45 20.09 -20.26
O1P C2E G . 7.84 21.12 -22.58
O5' C2E G . 5.57 20.32 -21.79
C5' C2E G . 4.89 20.81 -22.97
C4' C2E G . 3.51 20.18 -23.05
O4' C2E G . 3.65 18.77 -23.32
C3' C2E G . 2.68 20.21 -21.79
O3' C2E G . 2.02 21.48 -21.71
C2' C2E G . 1.74 19.00 -21.97
O2' C2E G . 0.48 19.40 -22.44
C1' C2E G . 2.45 18.13 -23.02
N9 C2E G . 2.81 16.77 -22.63
C8 C2E G . 2.90 15.69 -23.49
N7 C2E G . 3.32 14.59 -22.92
C5 C2E G . 3.60 14.97 -21.62
C6 C2E G . 4.10 14.20 -20.53
O6 C2E G . 4.47 13.01 -20.52
N1 C2E G . 4.26 14.98 -19.39
C2 C2E G . 3.91 16.31 -19.26
N2 C2E G . 4.10 16.86 -18.05
N3 C2E G . 3.42 17.03 -20.27
C4 C2E G . 3.29 16.31 -21.42
P11 C2E G . 1.70 22.05 -20.25
O21 C2E G . 0.85 23.27 -20.43
O11 C2E G . 1.17 21.03 -19.31
O5A C2E G . 3.14 22.54 -19.72
C5A C2E G . 3.82 23.72 -20.26
C4A C2E G . 5.17 23.86 -19.58
O4A C2E G . 4.97 24.18 -18.17
C3A C2E G . 6.01 22.57 -19.55
O3A C2E G . 6.69 22.46 -20.82
C2A C2E G . 6.92 22.86 -18.35
O2A C2E G . 7.95 23.78 -18.66
C1A C2E G . 5.95 23.55 -17.38
N91 C2E G . 5.31 22.60 -16.48
C81 C2E G . 4.25 21.78 -16.71
N71 C2E G . 4.01 20.94 -15.74
C51 C2E G . 5.00 21.24 -14.79
C61 C2E G . 5.25 20.68 -13.53
O61 C2E G . 4.67 19.74 -12.98
N11 C2E G . 6.35 21.28 -12.93
C21 C2E G . 7.08 22.34 -13.42
N21 C2E G . 8.08 22.80 -12.64
N31 C2E G . 6.87 22.83 -14.64
C41 C2E G . 5.81 22.25 -15.26
S SO4 H . 22.31 0.81 -14.84
O1 SO4 H . 21.59 0.25 -13.73
O2 SO4 H . 21.72 2.09 -15.21
O3 SO4 H . 23.67 1.03 -14.47
O4 SO4 H . 22.21 -0.08 -15.95
#